data_7BVK
#
_entry.id   7BVK
#
_cell.length_a   73.535
_cell.length_b   80.489
_cell.length_c   104.272
_cell.angle_alpha   90.000
_cell.angle_beta   90.000
_cell.angle_gamma   90.000
#
_symmetry.space_group_name_H-M   'P 21 21 21'
#
loop_
_entity.id
_entity.type
_entity.pdbx_description
1 polymer 'Oxidoreductase, NAD-binding'
2 non-polymer NICOTINAMIDE-ADENINE-DINUCLEOTIDE
3 non-polymer 'SULFATE ION'
4 water water
#
_entity_poly.entity_id   1
_entity_poly.type   'polypeptide(L)'
_entity_poly.pdbx_seq_one_letter_code
;MIHMRTGVIGVGHLGRFHAQKYAAISQLAGVFDENAERAAEVAAELRCRAFPSVDALLAEVDAVSIVTPTSTHFAVAEVA
MQAGVHCLIEKPFTLDTEEADALIGMAQERHLVLAIGHIKRVHPAIQYLRQAGFGAPRYLEAERLAPFKPRSLDIDVIMD
LMIHDLDLTLLLTGAEPVDVRAVGVAAVTDKADMATAWMTLNNGTVANLAASRVVREPARRMRIFWQDRYASVDFLNNTL
HIYHRGAGTVPGIPGVRDEAVDLAKRDALAAEIEDFLNAIAAHRPVFCDGVAGRRVLAAALQVRVAVEAFLQRLEHHHHH
H
;
_entity_poly.pdbx_strand_id   A,B
#
# COMPACT_ATOMS: atom_id res chain seq x y z
N MET A 1 -19.39 -28.81 -14.46
CA MET A 1 -18.29 -29.68 -14.06
C MET A 1 -16.96 -29.34 -14.77
N ILE A 2 -16.03 -28.70 -14.06
CA ILE A 2 -14.76 -28.27 -14.64
C ILE A 2 -13.71 -29.36 -14.47
N HIS A 3 -12.81 -29.48 -15.44
CA HIS A 3 -11.76 -30.51 -15.43
C HIS A 3 -10.48 -29.88 -14.91
N MET A 4 -10.30 -29.97 -13.59
CA MET A 4 -9.12 -29.37 -13.00
C MET A 4 -8.82 -30.05 -11.67
N ARG A 5 -7.53 -30.15 -11.38
CA ARG A 5 -7.05 -30.76 -10.15
C ARG A 5 -7.02 -29.71 -9.05
N THR A 6 -7.83 -29.92 -8.01
CA THR A 6 -8.07 -28.93 -6.99
C THR A 6 -7.79 -29.53 -5.62
N GLY A 7 -7.36 -28.66 -4.71
CA GLY A 7 -7.16 -29.02 -3.32
C GLY A 7 -7.43 -27.86 -2.39
N VAL A 8 -7.56 -28.19 -1.10
CA VAL A 8 -7.81 -27.19 -0.07
C VAL A 8 -6.71 -27.33 0.96
N ILE A 9 -6.15 -26.20 1.39
CA ILE A 9 -5.19 -26.18 2.48
C ILE A 9 -5.85 -25.47 3.66
N GLY A 10 -6.06 -26.22 4.73
CA GLY A 10 -6.83 -25.75 5.85
C GLY A 10 -8.25 -26.25 5.73
N VAL A 11 -8.60 -27.32 6.45
CA VAL A 11 -9.99 -27.72 6.37
C VAL A 11 -10.59 -27.71 7.77
N GLY A 12 -10.88 -26.51 8.25
CA GLY A 12 -11.65 -26.27 9.44
C GLY A 12 -13.10 -26.01 9.10
N HIS A 13 -13.75 -25.16 9.91
CA HIS A 13 -15.17 -24.89 9.71
C HIS A 13 -15.46 -24.45 8.27
N LEU A 14 -14.63 -23.60 7.69
CA LEU A 14 -14.87 -23.07 6.35
C LEU A 14 -14.13 -23.83 5.22
N GLY A 15 -12.90 -24.30 5.48
CA GLY A 15 -12.19 -25.06 4.46
C GLY A 15 -12.83 -26.40 4.16
N ARG A 16 -13.49 -27.00 5.14
CA ARG A 16 -14.26 -28.20 4.86
C ARG A 16 -15.30 -27.95 3.77
N PHE A 17 -15.99 -26.81 3.83
CA PHE A 17 -17.00 -26.51 2.82
C PHE A 17 -16.38 -26.22 1.45
N HIS A 18 -15.30 -25.43 1.41
CA HIS A 18 -14.54 -25.32 0.16
C HIS A 18 -14.30 -26.71 -0.44
N ALA A 19 -13.75 -27.62 0.37
CA ALA A 19 -13.46 -28.98 -0.08
C ALA A 19 -14.71 -29.62 -0.68
N GLN A 20 -15.85 -29.49 0.00
CA GLN A 20 -17.08 -30.10 -0.50
C GLN A 20 -17.46 -29.58 -1.88
N LYS A 21 -17.37 -28.25 -2.07
CA LYS A 21 -17.73 -27.68 -3.36
C LYS A 21 -16.77 -28.17 -4.46
N TYR A 22 -15.48 -28.15 -4.16
CA TYR A 22 -14.49 -28.69 -5.09
C TYR A 22 -14.85 -30.11 -5.49
N ALA A 23 -15.22 -30.94 -4.51
CA ALA A 23 -15.57 -32.32 -4.80
C ALA A 23 -16.78 -32.41 -5.71
N ALA A 24 -17.70 -31.46 -5.61
CA ALA A 24 -18.89 -31.53 -6.47
C ALA A 24 -18.68 -30.94 -7.86
N ILE A 25 -17.73 -30.02 -8.04
CA ILE A 25 -17.62 -29.25 -9.28
C ILE A 25 -16.31 -29.47 -10.01
N SER A 26 -15.43 -30.29 -9.49
CA SER A 26 -14.09 -30.48 -10.00
C SER A 26 -13.64 -31.88 -9.58
N GLN A 27 -12.42 -32.24 -9.91
CA GLN A 27 -11.86 -33.46 -9.37
C GLN A 27 -10.96 -33.03 -8.23
N LEU A 28 -11.48 -33.17 -7.00
CA LEU A 28 -10.74 -32.81 -5.81
C LEU A 28 -9.66 -33.84 -5.55
N ALA A 29 -8.40 -33.40 -5.56
CA ALA A 29 -7.31 -34.32 -5.28
C ALA A 29 -7.28 -34.68 -3.80
N GLY A 30 -7.14 -33.68 -2.94
CA GLY A 30 -7.18 -33.93 -1.51
C GLY A 30 -6.96 -32.67 -0.74
N VAL A 31 -6.68 -32.82 0.55
CA VAL A 31 -6.59 -31.69 1.47
C VAL A 31 -5.34 -31.82 2.32
N PHE A 32 -4.87 -30.67 2.83
CA PHE A 32 -3.83 -30.69 3.84
C PHE A 32 -4.19 -29.79 5.02
N ASP A 33 -3.83 -30.24 6.23
CA ASP A 33 -4.06 -29.49 7.45
C ASP A 33 -3.00 -29.86 8.50
N GLU A 34 -2.61 -28.88 9.33
CA GLU A 34 -1.65 -29.14 10.40
C GLU A 34 -2.24 -30.07 11.46
N ASN A 35 -3.53 -29.93 11.74
CA ASN A 35 -4.28 -30.96 12.46
C ASN A 35 -4.52 -32.16 11.54
N ALA A 36 -4.00 -33.32 11.92
CA ALA A 36 -4.03 -34.47 11.02
C ALA A 36 -5.34 -35.25 11.15
N GLU A 37 -5.89 -35.37 12.36
CA GLU A 37 -7.17 -36.05 12.53
C GLU A 37 -8.27 -35.37 11.73
N ARG A 38 -8.27 -34.03 11.74
CA ARG A 38 -9.31 -33.24 11.06
C ARG A 38 -9.23 -33.42 9.55
N ALA A 39 -8.02 -33.34 8.99
CA ALA A 39 -7.81 -33.60 7.57
C ALA A 39 -8.18 -35.04 7.23
N ALA A 40 -7.98 -35.96 8.15
CA ALA A 40 -8.33 -37.35 7.91
C ALA A 40 -9.84 -37.53 7.76
N GLU A 41 -10.61 -36.91 8.63
CA GLU A 41 -12.04 -37.13 8.53
C GLU A 41 -12.65 -36.34 7.36
N VAL A 42 -12.12 -35.15 7.05
CA VAL A 42 -12.52 -34.50 5.80
C VAL A 42 -12.22 -35.40 4.60
N ALA A 43 -11.06 -36.04 4.57
CA ALA A 43 -10.73 -36.85 3.40
C ALA A 43 -11.60 -38.10 3.34
N ALA A 44 -11.98 -38.66 4.49
CA ALA A 44 -12.92 -39.77 4.50
C ALA A 44 -14.28 -39.36 3.95
N GLU A 45 -14.76 -38.16 4.33
CA GLU A 45 -16.08 -37.73 3.91
C GLU A 45 -16.16 -37.56 2.39
N LEU A 46 -15.08 -37.09 1.76
CA LEU A 46 -15.13 -36.72 0.35
C LEU A 46 -14.39 -37.69 -0.55
N ARG A 47 -14.02 -38.88 -0.05
CA ARG A 47 -13.29 -39.86 -0.83
C ARG A 47 -12.12 -39.21 -1.56
N CYS A 48 -11.28 -38.51 -0.81
CA CYS A 48 -10.10 -37.85 -1.35
C CYS A 48 -8.94 -38.14 -0.42
N ARG A 49 -7.78 -37.54 -0.68
CA ARG A 49 -6.59 -37.83 0.10
C ARG A 49 -6.38 -36.77 1.19
N ALA A 50 -5.89 -37.21 2.35
CA ALA A 50 -5.31 -36.31 3.35
C ALA A 50 -3.81 -36.39 3.13
N PHE A 51 -3.28 -35.45 2.36
CA PHE A 51 -1.86 -35.43 2.04
C PHE A 51 -1.02 -35.15 3.29
N PRO A 52 0.19 -35.68 3.36
CA PRO A 52 1.01 -35.52 4.58
C PRO A 52 1.84 -34.25 4.62
N SER A 53 1.88 -33.47 3.56
CA SER A 53 2.52 -32.17 3.61
C SER A 53 1.85 -31.23 2.63
N VAL A 54 2.12 -29.93 2.81
CA VAL A 54 1.70 -28.95 1.82
C VAL A 54 2.21 -29.34 0.43
N ASP A 55 3.49 -29.76 0.35
CA ASP A 55 4.10 -29.97 -0.95
C ASP A 55 3.64 -31.26 -1.62
N ALA A 56 3.32 -32.27 -0.82
CA ALA A 56 2.67 -33.46 -1.37
C ALA A 56 1.39 -33.08 -2.11
N LEU A 57 0.51 -32.32 -1.44
CA LEU A 57 -0.71 -31.82 -2.08
C LEU A 57 -0.39 -30.97 -3.31
N LEU A 58 0.51 -30.00 -3.17
CA LEU A 58 0.74 -29.04 -4.25
C LEU A 58 1.28 -29.70 -5.52
N ALA A 59 2.08 -30.75 -5.38
CA ALA A 59 2.62 -31.40 -6.57
C ALA A 59 1.56 -32.06 -7.40
N GLU A 60 0.30 -32.03 -6.98
CA GLU A 60 -0.73 -32.82 -7.65
C GLU A 60 -2.00 -32.04 -7.96
N VAL A 61 -2.00 -30.71 -7.88
CA VAL A 61 -3.20 -29.91 -8.11
C VAL A 61 -2.87 -28.71 -9.01
N ASP A 62 -3.89 -28.24 -9.72
CA ASP A 62 -3.73 -26.99 -10.45
C ASP A 62 -4.13 -25.79 -9.62
N ALA A 63 -5.04 -25.99 -8.66
CA ALA A 63 -5.65 -24.87 -7.94
C ALA A 63 -6.01 -25.28 -6.52
N VAL A 64 -5.87 -24.35 -5.57
CA VAL A 64 -6.22 -24.58 -4.16
C VAL A 64 -6.95 -23.37 -3.55
N SER A 65 -7.84 -23.69 -2.61
CA SER A 65 -8.28 -22.68 -1.64
C SER A 65 -7.37 -22.67 -0.42
N ILE A 66 -6.96 -21.48 -0.01
CA ILE A 66 -6.20 -21.26 1.22
C ILE A 66 -7.15 -20.68 2.26
N VAL A 67 -7.48 -21.51 3.26
CA VAL A 67 -8.48 -21.21 4.27
C VAL A 67 -7.81 -21.44 5.62
N THR A 68 -6.52 -21.16 5.70
CA THR A 68 -5.79 -21.23 6.96
C THR A 68 -5.99 -19.92 7.73
N PRO A 69 -5.65 -19.89 9.02
CA PRO A 69 -5.84 -18.66 9.80
C PRO A 69 -5.17 -17.49 9.10
N THR A 70 -5.74 -16.30 9.29
CA THR A 70 -5.35 -15.15 8.48
C THR A 70 -3.85 -14.86 8.58
N SER A 71 -3.31 -14.93 9.80
CA SER A 71 -1.89 -14.63 10.00
C SER A 71 -0.98 -15.50 9.13
N THR A 72 -1.49 -16.60 8.57
CA THR A 72 -0.69 -17.54 7.82
C THR A 72 -0.87 -17.41 6.31
N HIS A 73 -1.79 -16.56 5.86
CA HIS A 73 -2.15 -16.55 4.44
C HIS A 73 -0.95 -16.29 3.55
N PHE A 74 -0.10 -15.33 3.92
CA PHE A 74 1.09 -15.06 3.13
C PHE A 74 1.99 -16.30 3.03
N ALA A 75 2.30 -16.92 4.17
CA ALA A 75 3.26 -18.03 4.16
C ALA A 75 2.78 -19.11 3.23
N VAL A 76 1.59 -19.66 3.51
CA VAL A 76 1.05 -20.72 2.67
C VAL A 76 1.01 -20.27 1.21
N ALA A 77 0.57 -19.03 0.98
CA ALA A 77 0.32 -18.64 -0.40
C ALA A 77 1.63 -18.59 -1.16
N GLU A 78 2.72 -18.19 -0.49
CA GLU A 78 4.01 -18.18 -1.17
C GLU A 78 4.33 -19.57 -1.69
N VAL A 79 4.25 -20.58 -0.81
CA VAL A 79 4.56 -21.94 -1.20
C VAL A 79 3.67 -22.40 -2.34
N ALA A 80 2.40 -21.99 -2.31
CA ALA A 80 1.52 -22.47 -3.37
C ALA A 80 1.90 -21.82 -4.69
N MET A 81 2.17 -20.52 -4.67
CA MET A 81 2.46 -19.88 -5.93
C MET A 81 3.85 -20.27 -6.42
N GLN A 82 4.81 -20.31 -5.49
CA GLN A 82 6.13 -20.85 -5.79
C GLN A 82 6.02 -22.18 -6.54
N ALA A 83 5.06 -23.02 -6.15
CA ALA A 83 4.83 -24.27 -6.84
C ALA A 83 4.00 -24.13 -8.11
N GLY A 84 3.73 -22.90 -8.56
CA GLY A 84 3.01 -22.71 -9.81
C GLY A 84 1.51 -22.94 -9.75
N VAL A 85 0.90 -22.90 -8.55
CA VAL A 85 -0.51 -23.21 -8.36
C VAL A 85 -1.35 -21.93 -8.22
N HIS A 86 -2.62 -22.03 -8.65
CA HIS A 86 -3.58 -20.95 -8.51
C HIS A 86 -4.22 -20.99 -7.13
N CYS A 87 -4.49 -19.81 -6.55
CA CYS A 87 -5.00 -19.69 -5.18
C CYS A 87 -6.23 -18.79 -5.06
N LEU A 88 -7.26 -19.36 -4.45
CA LEU A 88 -8.38 -18.61 -3.89
C LEU A 88 -8.16 -18.47 -2.38
N ILE A 89 -7.80 -17.27 -1.92
CA ILE A 89 -7.51 -17.02 -0.50
C ILE A 89 -8.77 -16.48 0.18
N GLU A 90 -9.19 -17.14 1.27
CA GLU A 90 -10.40 -16.71 2.03
C GLU A 90 -10.14 -15.35 2.70
N LYS A 91 -11.19 -14.53 2.86
CA LYS A 91 -11.00 -13.18 3.48
C LYS A 91 -10.68 -13.28 4.98
N PRO A 92 -9.93 -12.35 5.58
CA PRO A 92 -9.31 -11.21 4.88
C PRO A 92 -8.07 -11.65 4.10
N PHE A 93 -7.67 -10.87 3.12
CA PHE A 93 -6.52 -11.23 2.26
C PHE A 93 -5.27 -11.52 3.10
N THR A 94 -4.67 -10.48 3.65
CA THR A 94 -3.46 -10.64 4.50
C THR A 94 -3.56 -9.73 5.71
N LEU A 95 -2.54 -9.73 6.57
CA LEU A 95 -2.54 -8.85 7.76
C LEU A 95 -2.22 -7.41 7.33
N ASP A 96 -1.04 -7.17 6.78
CA ASP A 96 -0.71 -5.83 6.28
C ASP A 96 -0.61 -5.86 4.76
N THR A 97 -0.45 -4.67 4.19
CA THR A 97 -0.54 -4.52 2.74
C THR A 97 0.75 -4.88 2.02
N GLU A 98 1.90 -4.92 2.71
CA GLU A 98 3.11 -5.32 2.00
C GLU A 98 3.08 -6.81 1.68
N GLU A 99 2.59 -7.65 2.59
CA GLU A 99 2.32 -9.04 2.25
C GLU A 99 1.44 -9.14 1.01
N ALA A 100 0.34 -8.36 1.00
CA ALA A 100 -0.59 -8.37 -0.12
C ALA A 100 0.10 -8.02 -1.43
N ASP A 101 0.99 -7.02 -1.40
CA ASP A 101 1.66 -6.56 -2.61
C ASP A 101 2.64 -7.63 -3.12
N ALA A 102 3.43 -8.20 -2.20
CA ALA A 102 4.26 -9.36 -2.52
C ALA A 102 3.45 -10.42 -3.26
N LEU A 103 2.30 -10.80 -2.72
CA LEU A 103 1.54 -11.89 -3.32
C LEU A 103 1.02 -11.49 -4.70
N ILE A 104 0.58 -10.22 -4.85
CA ILE A 104 0.11 -9.75 -6.15
C ILE A 104 1.23 -9.87 -7.19
N GLY A 105 2.43 -9.42 -6.83
CA GLY A 105 3.57 -9.51 -7.73
C GLY A 105 3.94 -10.94 -8.10
N MET A 106 4.03 -11.82 -7.10
CA MET A 106 4.25 -13.25 -7.39
C MET A 106 3.27 -13.73 -8.44
N ALA A 107 1.97 -13.51 -8.19
CA ALA A 107 0.96 -14.02 -9.11
C ALA A 107 1.13 -13.44 -10.51
N GLN A 108 1.57 -12.20 -10.58
CA GLN A 108 1.73 -11.48 -11.88
C GLN A 108 2.91 -12.04 -12.67
N GLU A 109 4.03 -12.26 -12.00
CA GLU A 109 5.20 -12.85 -12.65
C GLU A 109 4.93 -14.30 -13.06
N ARG A 110 4.14 -15.02 -12.28
CA ARG A 110 3.90 -16.42 -12.57
C ARG A 110 2.63 -16.68 -13.33
N HIS A 111 1.89 -15.63 -13.71
CA HIS A 111 0.68 -15.75 -14.53
C HIS A 111 -0.36 -16.65 -13.88
N LEU A 112 -0.42 -16.61 -12.55
CA LEU A 112 -1.40 -17.36 -11.79
C LEU A 112 -2.57 -16.46 -11.45
N VAL A 113 -3.76 -17.06 -11.40
CA VAL A 113 -4.96 -16.36 -10.94
C VAL A 113 -4.90 -16.28 -9.42
N LEU A 114 -4.91 -15.07 -8.89
CA LEU A 114 -5.01 -14.83 -7.46
C LEU A 114 -6.41 -14.28 -7.16
N ALA A 115 -7.21 -15.07 -6.45
CA ALA A 115 -8.55 -14.66 -6.05
C ALA A 115 -8.67 -14.53 -4.53
N ILE A 116 -9.51 -13.58 -4.10
CA ILE A 116 -9.80 -13.30 -2.70
C ILE A 116 -11.27 -13.57 -2.41
N GLY A 117 -11.54 -14.25 -1.30
CA GLY A 117 -12.90 -14.69 -1.03
C GLY A 117 -13.88 -13.63 -0.55
N HIS A 118 -14.06 -12.55 -1.32
CA HIS A 118 -15.03 -11.51 -0.95
C HIS A 118 -16.39 -11.87 -1.54
N ILE A 119 -17.10 -12.71 -0.76
CA ILE A 119 -18.20 -13.51 -1.27
C ILE A 119 -19.40 -12.66 -1.71
N LYS A 120 -19.66 -11.51 -1.07
CA LYS A 120 -20.83 -10.71 -1.44
C LYS A 120 -20.80 -10.30 -2.90
N ARG A 121 -19.62 -10.24 -3.51
CA ARG A 121 -19.56 -9.94 -4.93
C ARG A 121 -20.34 -10.95 -5.80
N VAL A 122 -20.55 -12.18 -5.33
CA VAL A 122 -21.35 -13.14 -6.08
C VAL A 122 -22.80 -13.20 -5.59
N HIS A 123 -23.17 -12.36 -4.63
CA HIS A 123 -24.56 -12.30 -4.22
C HIS A 123 -25.42 -11.87 -5.41
N PRO A 124 -26.60 -12.47 -5.60
CA PRO A 124 -27.42 -12.11 -6.78
C PRO A 124 -27.87 -10.66 -6.81
N ALA A 125 -28.09 -10.01 -5.66
CA ALA A 125 -28.49 -8.61 -5.67
C ALA A 125 -27.36 -7.71 -6.19
N ILE A 126 -26.12 -8.01 -5.81
CA ILE A 126 -25.00 -7.21 -6.28
C ILE A 126 -24.81 -7.41 -7.78
N GLN A 127 -25.01 -8.64 -8.26
CA GLN A 127 -24.95 -8.88 -9.70
C GLN A 127 -26.04 -8.09 -10.43
N TYR A 128 -27.26 -8.14 -9.93
CA TYR A 128 -28.35 -7.41 -10.56
C TYR A 128 -28.03 -5.92 -10.66
N LEU A 129 -27.55 -5.35 -9.55
CA LEU A 129 -27.33 -3.91 -9.53
C LEU A 129 -26.21 -3.53 -10.48
N ARG A 130 -25.15 -4.33 -10.55
CA ARG A 130 -24.09 -4.03 -11.50
C ARG A 130 -24.57 -4.16 -12.95
N GLN A 131 -25.32 -5.22 -13.29
CA GLN A 131 -25.83 -5.26 -14.66
C GLN A 131 -26.84 -4.17 -14.96
N ALA A 132 -27.36 -3.47 -13.95
CA ALA A 132 -28.30 -2.40 -14.23
C ALA A 132 -27.65 -1.16 -14.85
N GLY A 133 -26.31 -1.09 -14.88
CA GLY A 133 -25.61 0.11 -15.33
C GLY A 133 -26.11 1.43 -14.75
N PHE A 134 -26.24 1.55 -13.42
CA PHE A 134 -26.73 2.76 -12.76
C PHE A 134 -25.67 3.84 -12.58
N GLY A 135 -24.41 3.53 -12.75
CA GLY A 135 -23.34 4.47 -12.46
C GLY A 135 -22.77 4.27 -11.06
N ALA A 136 -21.97 5.24 -10.65
CA ALA A 136 -21.50 5.22 -9.26
C ALA A 136 -22.57 5.81 -8.37
N PRO A 137 -22.86 5.19 -7.22
CA PRO A 137 -23.82 5.79 -6.29
C PRO A 137 -23.28 7.07 -5.67
N ARG A 138 -24.19 7.90 -5.19
CA ARG A 138 -23.82 9.07 -4.41
C ARG A 138 -23.66 8.73 -2.94
N TYR A 139 -24.51 7.84 -2.43
CA TYR A 139 -24.56 7.60 -0.99
C TYR A 139 -24.73 6.10 -0.74
N LEU A 140 -23.92 5.55 0.15
CA LEU A 140 -24.01 4.15 0.57
C LEU A 140 -24.19 4.11 2.08
N GLU A 141 -25.13 3.28 2.53
CA GLU A 141 -25.50 3.22 3.95
C GLU A 141 -25.62 1.75 4.30
N ALA A 142 -24.63 1.18 4.96
CA ALA A 142 -24.65 -0.24 5.28
C ALA A 142 -24.65 -0.46 6.79
N GLU A 143 -25.33 -1.52 7.22
CA GLU A 143 -25.21 -1.99 8.59
C GLU A 143 -25.05 -3.51 8.58
N ARG A 144 -23.99 -4.00 9.22
CA ARG A 144 -23.76 -5.43 9.41
C ARG A 144 -23.64 -5.71 10.90
N LEU A 145 -24.64 -6.43 11.45
CA LEU A 145 -24.79 -6.63 12.89
C LEU A 145 -24.90 -8.13 13.18
N ALA A 146 -24.01 -8.63 14.02
CA ALA A 146 -23.88 -10.06 14.24
C ALA A 146 -24.14 -10.42 15.70
N PRO A 147 -24.56 -11.66 15.97
CA PRO A 147 -24.56 -12.12 17.35
C PRO A 147 -23.13 -12.43 17.78
N PHE A 148 -22.81 -12.08 19.01
CA PHE A 148 -21.49 -12.44 19.56
C PHE A 148 -21.47 -13.95 19.83
N LYS A 149 -20.82 -14.72 18.93
CA LYS A 149 -20.69 -16.15 19.21
C LYS A 149 -19.41 -16.44 19.99
N PRO A 150 -19.41 -17.51 20.81
CA PRO A 150 -18.33 -17.69 21.79
C PRO A 150 -16.91 -17.61 21.25
N ARG A 151 -16.68 -17.73 19.94
CA ARG A 151 -15.34 -17.56 19.42
C ARG A 151 -15.09 -16.17 18.85
N SER A 152 -16.00 -15.23 19.10
CA SER A 152 -15.91 -13.91 18.46
C SER A 152 -14.86 -12.98 19.04
N LEU A 153 -14.03 -13.39 20.02
CA LEU A 153 -12.98 -12.49 20.48
C LEU A 153 -11.76 -12.61 19.57
N ASP A 154 -11.05 -11.50 19.38
CA ASP A 154 -9.86 -11.27 18.50
C ASP A 154 -10.41 -11.03 17.11
N ILE A 155 -11.71 -11.29 16.95
CA ILE A 155 -12.46 -10.98 15.71
C ILE A 155 -12.70 -9.47 15.79
N ASP A 156 -11.91 -8.69 15.05
CA ASP A 156 -12.01 -7.24 15.07
C ASP A 156 -13.12 -6.81 14.12
N VAL A 157 -14.08 -6.06 14.63
CA VAL A 157 -15.32 -5.81 13.89
C VAL A 157 -15.01 -5.20 12.53
N ILE A 158 -13.89 -4.49 12.42
CA ILE A 158 -13.55 -3.83 11.16
C ILE A 158 -13.05 -4.85 10.14
N MET A 159 -12.06 -5.66 10.49
CA MET A 159 -11.49 -6.58 9.51
C MET A 159 -12.39 -7.78 9.29
N ASP A 160 -13.36 -7.99 10.15
CA ASP A 160 -14.25 -9.12 9.99
C ASP A 160 -15.56 -8.73 9.33
N LEU A 161 -16.30 -7.80 9.94
CA LEU A 161 -17.64 -7.47 9.49
C LEU A 161 -17.64 -6.35 8.44
N MET A 162 -17.02 -5.21 8.76
CA MET A 162 -17.17 -4.03 7.92
C MET A 162 -16.51 -4.20 6.56
N ILE A 163 -15.49 -5.05 6.48
CA ILE A 163 -14.73 -5.20 5.24
C ILE A 163 -15.63 -5.62 4.08
N HIS A 164 -16.72 -6.36 4.35
CA HIS A 164 -17.63 -6.76 3.27
C HIS A 164 -18.26 -5.53 2.59
N ASP A 165 -18.76 -4.60 3.38
CA ASP A 165 -19.36 -3.41 2.79
C ASP A 165 -18.32 -2.43 2.29
N LEU A 166 -17.11 -2.41 2.89
CA LEU A 166 -16.03 -1.61 2.33
C LEU A 166 -15.70 -2.07 0.92
N ASP A 167 -15.57 -3.38 0.75
CA ASP A 167 -15.34 -3.98 -0.56
C ASP A 167 -16.45 -3.61 -1.54
N LEU A 168 -17.71 -3.77 -1.11
CA LEU A 168 -18.84 -3.39 -1.97
C LEU A 168 -18.78 -1.92 -2.38
N THR A 169 -18.39 -1.04 -1.44
CA THR A 169 -18.31 0.39 -1.71
C THR A 169 -17.27 0.68 -2.78
N LEU A 170 -16.06 0.13 -2.60
CA LEU A 170 -15.03 0.27 -3.62
C LEU A 170 -15.52 -0.26 -4.96
N LEU A 171 -16.20 -1.41 -4.96
CA LEU A 171 -16.63 -2.03 -6.21
C LEU A 171 -17.67 -1.17 -6.94
N LEU A 172 -18.73 -0.74 -6.24
CA LEU A 172 -19.82 -0.03 -6.92
C LEU A 172 -19.43 1.39 -7.28
N THR A 173 -18.57 2.02 -6.49
CA THR A 173 -18.12 3.36 -6.84
C THR A 173 -16.92 3.36 -7.78
N GLY A 174 -16.06 2.35 -7.67
CA GLY A 174 -14.80 2.42 -8.38
C GLY A 174 -13.84 3.47 -7.88
N ALA A 175 -14.08 4.02 -6.68
CA ALA A 175 -13.30 5.14 -6.19
C ALA A 175 -12.46 4.76 -4.98
N GLU A 176 -11.51 5.59 -4.68
CA GLU A 176 -10.69 5.29 -3.53
C GLU A 176 -10.98 6.27 -2.38
N PRO A 177 -10.73 5.88 -1.13
CA PRO A 177 -11.04 6.76 0.01
C PRO A 177 -10.05 7.91 0.14
N VAL A 178 -10.58 9.13 0.23
CA VAL A 178 -9.76 10.29 0.54
C VAL A 178 -10.00 10.83 1.95
N ASP A 179 -11.22 10.77 2.47
CA ASP A 179 -11.43 11.12 3.88
C ASP A 179 -12.08 9.97 4.63
N VAL A 180 -11.59 9.68 5.83
CA VAL A 180 -12.18 8.64 6.66
C VAL A 180 -12.30 9.09 8.10
N ARG A 181 -13.50 9.44 8.54
CA ARG A 181 -13.75 9.62 9.96
C ARG A 181 -14.42 8.38 10.52
N ALA A 182 -14.24 8.12 11.80
CA ALA A 182 -14.79 6.90 12.36
C ALA A 182 -14.98 7.06 13.85
N VAL A 183 -15.96 6.34 14.38
CA VAL A 183 -16.12 6.18 15.81
C VAL A 183 -16.00 4.70 16.09
N GLY A 184 -15.50 4.38 17.26
CA GLY A 184 -15.46 3.01 17.73
C GLY A 184 -15.81 2.97 19.19
N VAL A 185 -16.29 1.79 19.61
CA VAL A 185 -16.58 1.49 21.00
C VAL A 185 -16.09 0.09 21.29
N ALA A 186 -15.14 -0.01 22.22
CA ALA A 186 -14.58 -1.27 22.67
C ALA A 186 -15.25 -1.61 24.00
N ALA A 187 -16.08 -2.65 24.01
CA ALA A 187 -16.89 -2.95 25.19
C ALA A 187 -16.35 -4.14 25.98
N VAL A 188 -16.22 -5.30 25.36
CA VAL A 188 -15.69 -6.46 26.07
C VAL A 188 -14.15 -6.40 26.10
N THR A 189 -13.52 -6.36 24.93
CA THR A 189 -12.07 -6.30 24.80
C THR A 189 -11.61 -4.84 24.86
N ASP A 190 -10.35 -4.59 24.55
CA ASP A 190 -9.93 -3.28 24.06
C ASP A 190 -10.10 -3.15 22.54
N LYS A 191 -10.33 -4.28 21.84
CA LYS A 191 -10.61 -4.27 20.41
C LYS A 191 -12.01 -3.74 20.12
N ALA A 192 -12.21 -3.16 18.95
CA ALA A 192 -13.53 -2.56 18.66
C ALA A 192 -14.59 -3.65 18.53
N ASP A 193 -15.75 -3.42 19.15
CA ASP A 193 -16.95 -4.30 19.13
C ASP A 193 -18.02 -3.55 18.32
N MET A 194 -17.96 -2.24 18.32
CA MET A 194 -18.85 -1.51 17.41
C MET A 194 -17.97 -0.48 16.73
N ALA A 195 -18.08 -0.34 15.43
CA ALA A 195 -17.31 0.68 14.71
C ALA A 195 -18.20 1.25 13.62
N THR A 196 -18.17 2.54 13.41
CA THR A 196 -18.95 3.15 12.34
C THR A 196 -18.07 4.18 11.63
N ALA A 197 -17.97 4.01 10.31
CA ALA A 197 -17.11 4.80 9.46
C ALA A 197 -17.94 5.71 8.56
N TRP A 198 -17.53 6.97 8.46
CA TRP A 198 -18.05 7.94 7.50
C TRP A 198 -16.91 8.22 6.53
N MET A 199 -17.09 7.82 5.28
CA MET A 199 -15.98 7.70 4.34
C MET A 199 -16.31 8.43 3.06
N THR A 200 -15.36 9.23 2.57
CA THR A 200 -15.52 10.03 1.38
C THR A 200 -14.49 9.64 0.35
N LEU A 201 -14.94 9.42 -0.87
CA LEU A 201 -14.16 8.99 -2.03
C LEU A 201 -13.86 10.17 -2.95
N ASN A 202 -12.87 9.99 -3.82
CA ASN A 202 -12.46 11.09 -4.69
C ASN A 202 -13.53 11.45 -5.72
N ASN A 203 -14.49 10.57 -5.98
CA ASN A 203 -15.66 10.91 -6.78
C ASN A 203 -16.75 11.60 -5.96
N GLY A 204 -16.46 12.00 -4.72
CA GLY A 204 -17.46 12.68 -3.91
C GLY A 204 -18.55 11.80 -3.35
N THR A 205 -18.44 10.48 -3.49
CA THR A 205 -19.40 9.57 -2.87
C THR A 205 -19.15 9.48 -1.37
N VAL A 206 -20.22 9.31 -0.61
CA VAL A 206 -20.16 9.08 0.82
C VAL A 206 -20.64 7.67 1.10
N ALA A 207 -19.88 6.93 1.91
CA ALA A 207 -20.32 5.64 2.46
C ALA A 207 -20.34 5.72 3.98
N ASN A 208 -21.46 5.34 4.57
CA ASN A 208 -21.72 5.38 6.00
C ASN A 208 -21.92 3.94 6.45
N LEU A 209 -20.89 3.36 7.08
CA LEU A 209 -20.79 1.91 7.28
C LEU A 209 -20.73 1.60 8.76
N ALA A 210 -21.72 0.85 9.26
CA ALA A 210 -21.79 0.51 10.69
C ALA A 210 -21.74 -1.00 10.87
N ALA A 211 -20.80 -1.46 11.70
CA ALA A 211 -20.70 -2.85 12.11
C ALA A 211 -20.70 -2.93 13.63
N SER A 212 -21.29 -4.00 14.15
CA SER A 212 -21.28 -4.18 15.59
C SER A 212 -21.35 -5.68 15.87
N ARG A 213 -20.37 -6.23 16.58
CA ARG A 213 -20.37 -7.72 16.78
C ARG A 213 -21.08 -8.12 18.06
N VAL A 214 -21.17 -7.24 19.03
CA VAL A 214 -21.96 -7.59 20.21
C VAL A 214 -23.35 -7.04 19.93
N VAL A 215 -24.15 -7.86 19.24
CA VAL A 215 -25.53 -7.54 18.83
C VAL A 215 -26.41 -8.75 19.13
N ARG A 216 -27.64 -8.47 19.57
CA ARG A 216 -28.56 -9.57 19.87
C ARG A 216 -29.31 -10.06 18.63
N GLU A 217 -29.80 -9.13 17.80
CA GLU A 217 -30.59 -9.49 16.62
C GLU A 217 -29.84 -9.19 15.33
N PRO A 218 -29.45 -10.20 14.55
CA PRO A 218 -28.58 -9.95 13.39
C PRO A 218 -29.29 -9.14 12.32
N ALA A 219 -28.48 -8.56 11.43
CA ALA A 219 -28.98 -7.69 10.37
C ALA A 219 -27.91 -7.45 9.32
N ARG A 220 -28.24 -7.60 8.05
CA ARG A 220 -27.30 -7.33 6.98
C ARG A 220 -28.02 -6.47 5.94
N ARG A 221 -28.04 -5.16 6.17
CA ARG A 221 -28.78 -4.24 5.32
C ARG A 221 -27.80 -3.31 4.62
N MET A 222 -28.11 -2.93 3.38
CA MET A 222 -27.34 -1.91 2.67
C MET A 222 -28.27 -1.12 1.77
N ARG A 223 -28.30 0.20 1.92
CA ARG A 223 -29.09 1.08 1.07
C ARG A 223 -28.15 1.88 0.18
N ILE A 224 -28.39 1.84 -1.12
CA ILE A 224 -27.55 2.49 -2.12
C ILE A 224 -28.38 3.52 -2.87
N PHE A 225 -27.83 4.74 -3.01
CA PHE A 225 -28.54 5.85 -3.63
C PHE A 225 -27.69 6.45 -4.73
N TRP A 226 -28.24 6.41 -5.93
CA TRP A 226 -27.82 7.25 -7.04
C TRP A 226 -28.68 8.51 -7.04
N GLN A 227 -28.62 9.30 -8.11
CA GLN A 227 -29.42 10.53 -8.15
C GLN A 227 -30.91 10.20 -8.35
N ASP A 228 -31.22 9.30 -9.28
CA ASP A 228 -32.60 9.02 -9.69
C ASP A 228 -33.08 7.60 -9.32
N ARG A 229 -32.30 6.84 -8.56
CA ARG A 229 -32.62 5.46 -8.19
C ARG A 229 -32.16 5.17 -6.76
N TYR A 230 -32.90 4.31 -6.05
CA TYR A 230 -32.50 3.88 -4.70
C TYR A 230 -32.75 2.40 -4.51
N ALA A 231 -31.73 1.66 -4.10
CA ALA A 231 -31.85 0.24 -3.81
C ALA A 231 -31.71 0.00 -2.32
N SER A 232 -32.55 -0.88 -1.80
CA SER A 232 -32.32 -1.49 -0.50
C SER A 232 -32.02 -2.96 -0.72
N VAL A 233 -30.87 -3.40 -0.21
CA VAL A 233 -30.43 -4.78 -0.24
C VAL A 233 -30.55 -5.33 1.18
N ASP A 234 -31.31 -6.43 1.34
CA ASP A 234 -31.41 -7.13 2.63
C ASP A 234 -30.84 -8.51 2.42
N PHE A 235 -29.58 -8.69 2.84
CA PHE A 235 -28.82 -9.90 2.56
C PHE A 235 -29.35 -11.14 3.27
N LEU A 236 -30.12 -10.99 4.36
CA LEU A 236 -30.66 -12.16 5.05
C LEU A 236 -32.17 -12.31 4.95
N ASN A 237 -32.90 -11.26 4.59
CA ASN A 237 -34.18 -11.52 3.94
C ASN A 237 -33.99 -11.93 2.49
N ASN A 238 -32.75 -11.88 2.00
CA ASN A 238 -32.41 -12.03 0.58
C ASN A 238 -33.42 -11.36 -0.34
N THR A 239 -33.62 -10.06 -0.12
CA THR A 239 -34.46 -9.29 -1.02
C THR A 239 -33.67 -8.11 -1.59
N LEU A 240 -34.09 -7.69 -2.79
CA LEU A 240 -33.59 -6.49 -3.44
C LEU A 240 -34.78 -5.65 -3.86
N HIS A 241 -34.77 -4.38 -3.46
CA HIS A 241 -35.86 -3.47 -3.78
C HIS A 241 -35.30 -2.22 -4.44
N ILE A 242 -35.80 -1.88 -5.62
CA ILE A 242 -35.35 -0.69 -6.32
C ILE A 242 -36.51 0.29 -6.45
N TYR A 243 -36.25 1.57 -6.19
CA TYR A 243 -37.24 2.64 -6.24
C TYR A 243 -36.78 3.69 -7.25
N HIS A 244 -37.70 4.10 -8.15
CA HIS A 244 -37.39 5.10 -9.18
C HIS A 244 -38.27 6.34 -9.01
N ARG A 245 -37.62 7.51 -8.89
CA ARG A 245 -38.23 8.82 -8.59
C ARG A 245 -39.68 9.02 -9.03
N VAL A 256 -43.13 7.53 -5.86
CA VAL A 256 -42.04 6.60 -6.19
C VAL A 256 -42.60 5.27 -6.73
N ARG A 257 -41.75 4.53 -7.44
CA ARG A 257 -42.07 3.20 -7.96
C ARG A 257 -41.20 2.19 -7.25
N ASP A 258 -41.82 1.13 -6.69
CA ASP A 258 -41.18 0.13 -5.84
C ASP A 258 -41.13 -1.24 -6.56
N GLU A 259 -40.08 -1.43 -7.34
CA GLU A 259 -39.86 -2.69 -8.04
C GLU A 259 -39.17 -3.67 -7.12
N ALA A 260 -39.87 -4.74 -6.76
CA ALA A 260 -39.29 -5.84 -6.01
C ALA A 260 -38.61 -6.78 -6.99
N VAL A 261 -37.28 -6.82 -6.96
CA VAL A 261 -36.58 -7.77 -7.80
C VAL A 261 -36.57 -9.10 -7.07
N ASP A 262 -37.05 -10.15 -7.72
CA ASP A 262 -36.90 -11.46 -7.11
C ASP A 262 -35.63 -12.10 -7.68
N LEU A 263 -34.89 -12.74 -6.78
CA LEU A 263 -33.54 -13.19 -7.01
C LEU A 263 -33.49 -14.69 -6.76
N ALA A 264 -32.76 -15.41 -7.61
CA ALA A 264 -32.54 -16.82 -7.37
C ALA A 264 -31.63 -17.00 -6.17
N LYS A 265 -32.07 -17.78 -5.20
CA LYS A 265 -31.14 -18.30 -4.20
C LYS A 265 -30.15 -19.24 -4.88
N ARG A 266 -28.90 -19.18 -4.46
CA ARG A 266 -27.88 -20.08 -4.96
C ARG A 266 -26.74 -20.13 -3.98
N ASP A 267 -25.98 -21.22 -4.04
CA ASP A 267 -24.85 -21.45 -3.16
C ASP A 267 -23.78 -20.40 -3.43
N ALA A 268 -23.56 -19.51 -2.45
CA ALA A 268 -22.61 -18.42 -2.64
C ALA A 268 -21.19 -18.94 -2.78
N LEU A 269 -20.78 -19.87 -1.90
CA LEU A 269 -19.44 -20.45 -2.02
C LEU A 269 -19.29 -21.26 -3.31
N ALA A 270 -20.32 -22.00 -3.72
CA ALA A 270 -20.23 -22.75 -4.97
C ALA A 270 -19.99 -21.80 -6.14
N ALA A 271 -20.77 -20.72 -6.22
CA ALA A 271 -20.59 -19.69 -7.25
C ALA A 271 -19.19 -19.07 -7.19
N GLU A 272 -18.72 -18.76 -5.99
CA GLU A 272 -17.37 -18.22 -5.81
C GLU A 272 -16.31 -19.15 -6.41
N ILE A 273 -16.39 -20.44 -6.08
CA ILE A 273 -15.39 -21.41 -6.53
C ILE A 273 -15.55 -21.68 -8.02
N GLU A 274 -16.78 -21.79 -8.51
CA GLU A 274 -17.01 -21.95 -9.94
C GLU A 274 -16.39 -20.78 -10.70
N ASP A 275 -16.55 -19.56 -10.19
CA ASP A 275 -15.95 -18.41 -10.83
C ASP A 275 -14.42 -18.48 -10.80
N PHE A 276 -13.83 -18.88 -9.66
CA PHE A 276 -12.37 -18.99 -9.58
C PHE A 276 -11.84 -20.01 -10.60
N LEU A 277 -12.45 -21.19 -10.64
CA LEU A 277 -12.04 -22.19 -11.62
C LEU A 277 -12.27 -21.73 -13.06
N ASN A 278 -13.41 -21.08 -13.35
CA ASN A 278 -13.69 -20.60 -14.70
C ASN A 278 -12.73 -19.49 -15.12
N ALA A 279 -12.27 -18.67 -14.18
CA ALA A 279 -11.24 -17.72 -14.51
C ALA A 279 -9.93 -18.42 -14.83
N ILE A 280 -9.62 -19.50 -14.13
CA ILE A 280 -8.40 -20.23 -14.47
C ILE A 280 -8.52 -20.84 -15.86
N ALA A 281 -9.66 -21.44 -16.15
CA ALA A 281 -9.82 -22.20 -17.38
C ALA A 281 -9.89 -21.32 -18.62
N ALA A 282 -10.62 -20.21 -18.55
CA ALA A 282 -10.90 -19.42 -19.74
C ALA A 282 -10.16 -18.10 -19.77
N HIS A 283 -9.17 -17.90 -18.92
CA HIS A 283 -8.47 -16.59 -18.79
C HIS A 283 -9.45 -15.43 -18.55
N ARG A 284 -10.59 -15.69 -17.91
CA ARG A 284 -11.52 -14.63 -17.51
C ARG A 284 -10.97 -13.86 -16.33
N PRO A 285 -11.33 -12.59 -16.20
CA PRO A 285 -11.08 -11.90 -14.93
C PRO A 285 -11.92 -12.53 -13.82
N VAL A 286 -11.28 -12.83 -12.73
CA VAL A 286 -11.97 -13.49 -11.62
C VAL A 286 -12.79 -12.45 -10.87
N PHE A 287 -13.73 -12.93 -10.05
CA PHE A 287 -14.71 -12.04 -9.44
C PHE A 287 -14.07 -11.09 -8.46
N CYS A 288 -12.90 -11.42 -7.91
CA CYS A 288 -12.22 -10.48 -7.05
C CYS A 288 -10.74 -10.87 -7.03
N ASP A 289 -9.92 -10.09 -7.74
CA ASP A 289 -8.51 -10.41 -7.85
C ASP A 289 -7.77 -9.90 -6.62
N GLY A 290 -6.47 -10.21 -6.56
CA GLY A 290 -5.67 -9.76 -5.44
C GLY A 290 -5.56 -8.26 -5.33
N VAL A 291 -5.65 -7.54 -6.44
CA VAL A 291 -5.53 -6.09 -6.40
C VAL A 291 -6.73 -5.47 -5.69
N ALA A 292 -7.92 -6.01 -5.93
CA ALA A 292 -9.10 -5.51 -5.24
C ALA A 292 -9.04 -5.85 -3.75
N GLY A 293 -8.60 -7.06 -3.42
CA GLY A 293 -8.43 -7.42 -2.03
C GLY A 293 -7.44 -6.51 -1.32
N ARG A 294 -6.38 -6.12 -2.02
CA ARG A 294 -5.47 -5.16 -1.40
C ARG A 294 -6.15 -3.81 -1.17
N ARG A 295 -6.95 -3.35 -2.14
CA ARG A 295 -7.59 -2.05 -1.97
C ARG A 295 -8.53 -2.05 -0.78
N VAL A 296 -9.30 -3.12 -0.61
CA VAL A 296 -10.23 -3.17 0.51
C VAL A 296 -9.47 -3.33 1.84
N LEU A 297 -8.35 -4.05 1.82
CA LEU A 297 -7.55 -4.17 3.04
C LEU A 297 -7.00 -2.82 3.48
N ALA A 298 -6.49 -2.02 2.53
CA ALA A 298 -6.02 -0.68 2.88
C ALA A 298 -7.14 0.16 3.46
N ALA A 299 -8.34 0.08 2.86
CA ALA A 299 -9.44 0.90 3.35
C ALA A 299 -9.83 0.51 4.79
N ALA A 300 -9.95 -0.78 5.06
CA ALA A 300 -10.26 -1.17 6.41
C ALA A 300 -9.15 -0.76 7.39
N LEU A 301 -7.89 -0.77 6.94
CA LEU A 301 -6.81 -0.34 7.83
C LEU A 301 -6.94 1.15 8.14
N GLN A 302 -7.32 1.95 7.15
CA GLN A 302 -7.61 3.35 7.40
C GLN A 302 -8.69 3.49 8.45
N VAL A 303 -9.81 2.80 8.23
CA VAL A 303 -10.93 2.82 9.18
C VAL A 303 -10.42 2.52 10.59
N ARG A 304 -9.58 1.49 10.73
CA ARG A 304 -9.12 1.10 12.07
C ARG A 304 -8.21 2.15 12.66
N VAL A 305 -7.38 2.78 11.85
CA VAL A 305 -6.52 3.82 12.37
C VAL A 305 -7.37 4.98 12.88
N ALA A 306 -8.43 5.33 12.14
CA ALA A 306 -9.33 6.38 12.57
C ALA A 306 -10.04 5.99 13.87
N VAL A 307 -10.40 4.72 13.99
CA VAL A 307 -11.09 4.27 15.19
C VAL A 307 -10.17 4.35 16.40
N GLU A 308 -8.99 3.72 16.32
CA GLU A 308 -8.04 3.78 17.42
C GLU A 308 -7.57 5.20 17.68
N ALA A 309 -7.77 6.12 16.73
CA ALA A 309 -7.66 7.54 17.05
C ALA A 309 -8.82 7.98 17.94
N PHE A 310 -10.05 7.72 17.50
CA PHE A 310 -11.23 8.04 18.31
C PHE A 310 -11.09 7.44 19.72
N LEU A 311 -11.01 6.11 19.80
CA LEU A 311 -10.99 5.42 21.09
C LEU A 311 -9.80 5.80 21.95
N GLN A 312 -8.71 6.28 21.35
CA GLN A 312 -7.43 6.54 22.03
C GLN A 312 -6.82 5.24 22.61
N MET B 1 9.31 -4.96 -15.93
CA MET B 1 10.47 -5.83 -15.78
C MET B 1 11.69 -5.36 -16.57
N ILE B 2 12.71 -4.90 -15.86
CA ILE B 2 13.95 -4.45 -16.46
C ILE B 2 15.02 -5.49 -16.21
N HIS B 3 15.94 -5.62 -17.15
CA HIS B 3 16.98 -6.63 -17.09
C HIS B 3 18.26 -5.95 -16.63
N MET B 4 18.51 -6.03 -15.33
CA MET B 4 19.73 -5.50 -14.74
C MET B 4 20.04 -6.29 -13.48
N ARG B 5 21.34 -6.41 -13.19
CA ARG B 5 21.79 -7.07 -11.97
C ARG B 5 21.81 -6.04 -10.85
N THR B 6 20.96 -6.26 -9.84
CA THR B 6 20.74 -5.28 -8.78
C THR B 6 20.99 -5.88 -7.40
N GLY B 7 21.39 -5.01 -6.48
CA GLY B 7 21.53 -5.36 -5.09
C GLY B 7 21.26 -4.19 -4.17
N VAL B 8 21.11 -4.52 -2.89
CA VAL B 8 20.90 -3.52 -1.85
C VAL B 8 22.01 -3.68 -0.83
N ILE B 9 22.64 -2.57 -0.46
CA ILE B 9 23.63 -2.57 0.60
C ILE B 9 23.02 -1.87 1.80
N GLY B 10 22.71 -2.68 2.82
CA GLY B 10 22.02 -2.21 4.00
C GLY B 10 20.56 -2.58 3.91
N VAL B 11 20.15 -3.68 4.56
CA VAL B 11 18.75 -4.04 4.51
C VAL B 11 18.16 -4.01 5.90
N GLY B 12 17.82 -2.80 6.36
CA GLY B 12 17.09 -2.60 7.59
C GLY B 12 15.67 -2.21 7.29
N HIS B 13 15.11 -1.28 8.08
CA HIS B 13 13.70 -0.97 7.90
C HIS B 13 13.40 -0.60 6.46
N LEU B 14 14.18 0.33 5.90
CA LEU B 14 13.96 0.89 4.58
C LEU B 14 14.69 0.15 3.45
N GLY B 15 15.83 -0.50 3.74
CA GLY B 15 16.54 -1.23 2.70
C GLY B 15 15.90 -2.56 2.36
N ARG B 16 15.24 -3.18 3.33
CA ARG B 16 14.45 -4.37 3.04
C ARG B 16 13.38 -4.09 1.98
N PHE B 17 12.80 -2.89 1.98
CA PHE B 17 11.79 -2.54 0.98
C PHE B 17 12.42 -2.32 -0.39
N HIS B 18 13.53 -1.58 -0.44
CA HIS B 18 14.29 -1.48 -1.69
C HIS B 18 14.52 -2.87 -2.27
N ALA B 19 15.00 -3.79 -1.43
CA ALA B 19 15.26 -5.15 -1.86
C ALA B 19 14.01 -5.80 -2.46
N GLN B 20 12.86 -5.65 -1.79
CA GLN B 20 11.63 -6.24 -2.32
C GLN B 20 11.29 -5.69 -3.71
N LYS B 21 11.35 -4.36 -3.88
CA LYS B 21 11.09 -3.79 -5.19
C LYS B 21 12.06 -4.33 -6.25
N TYR B 22 13.37 -4.37 -5.92
CA TYR B 22 14.37 -4.88 -6.87
C TYR B 22 14.04 -6.30 -7.29
N ALA B 23 13.61 -7.13 -6.34
CA ALA B 23 13.25 -8.50 -6.69
C ALA B 23 12.06 -8.53 -7.64
N ALA B 24 11.09 -7.64 -7.43
CA ALA B 24 9.92 -7.66 -8.30
C ALA B 24 10.13 -7.03 -9.68
N ILE B 25 11.15 -6.18 -9.87
CA ILE B 25 11.27 -5.44 -11.12
C ILE B 25 12.60 -5.64 -11.83
N SER B 26 13.49 -6.46 -11.31
CA SER B 26 14.84 -6.60 -11.86
C SER B 26 15.36 -8.00 -11.55
N GLN B 27 16.62 -8.23 -11.94
CA GLN B 27 17.36 -9.40 -11.50
C GLN B 27 18.13 -9.04 -10.23
N LEU B 28 17.51 -9.33 -9.08
CA LEU B 28 18.11 -9.06 -7.79
C LEU B 28 19.14 -10.16 -7.48
N ALA B 29 20.42 -9.79 -7.56
CA ALA B 29 21.48 -10.72 -7.22
C ALA B 29 21.43 -11.07 -5.73
N GLY B 30 21.62 -10.09 -4.87
CA GLY B 30 21.54 -10.32 -3.46
C GLY B 30 21.70 -9.04 -2.68
N VAL B 31 21.98 -9.18 -1.38
CA VAL B 31 22.10 -8.05 -0.49
C VAL B 31 23.30 -8.25 0.43
N PHE B 32 23.78 -7.16 1.01
CA PHE B 32 24.80 -7.20 2.05
C PHE B 32 24.36 -6.32 3.20
N ASP B 33 24.73 -6.73 4.43
CA ASP B 33 24.46 -5.91 5.62
C ASP B 33 25.50 -6.21 6.69
N GLU B 34 25.89 -5.18 7.43
CA GLU B 34 26.84 -5.31 8.55
C GLU B 34 26.29 -6.14 9.70
N ASN B 35 25.05 -6.62 9.59
CA ASN B 35 24.39 -7.50 10.53
C ASN B 35 24.01 -8.76 9.75
N ALA B 36 24.80 -9.82 9.89
CA ALA B 36 24.68 -10.98 9.02
C ALA B 36 23.35 -11.71 9.22
N GLU B 37 22.87 -11.78 10.46
CA GLU B 37 21.55 -12.33 10.76
C GLU B 37 20.46 -11.68 9.91
N ARG B 38 20.39 -10.35 9.97
CA ARG B 38 19.34 -9.60 9.27
C ARG B 38 19.43 -9.81 7.77
N ALA B 39 20.65 -9.86 7.24
CA ALA B 39 20.85 -10.03 5.81
C ALA B 39 20.44 -11.43 5.37
N ALA B 40 20.75 -12.43 6.18
CA ALA B 40 20.29 -13.79 5.89
C ALA B 40 18.78 -13.84 5.86
N GLU B 41 18.14 -13.14 6.80
CA GLU B 41 16.68 -13.13 6.87
C GLU B 41 16.07 -12.45 5.64
N VAL B 42 16.68 -11.38 5.16
CA VAL B 42 16.16 -10.73 3.95
C VAL B 42 16.35 -11.63 2.73
N ALA B 43 17.54 -12.25 2.61
CA ALA B 43 17.77 -13.19 1.51
C ALA B 43 16.78 -14.36 1.55
N ALA B 44 16.41 -14.79 2.75
CA ALA B 44 15.36 -15.81 2.90
C ALA B 44 14.02 -15.29 2.39
N GLU B 45 13.64 -14.07 2.81
CA GLU B 45 12.37 -13.50 2.36
C GLU B 45 12.30 -13.45 0.83
N LEU B 46 13.41 -13.10 0.16
CA LEU B 46 13.34 -12.78 -1.26
C LEU B 46 14.04 -13.79 -2.16
N ARG B 47 14.43 -14.96 -1.64
CA ARG B 47 15.11 -15.99 -2.44
C ARG B 47 16.28 -15.43 -3.24
N CYS B 48 17.06 -14.56 -2.61
CA CYS B 48 18.29 -14.01 -3.19
C CYS B 48 19.48 -14.45 -2.31
N ARG B 49 20.65 -13.88 -2.56
CA ARG B 49 21.83 -14.21 -1.76
C ARG B 49 22.11 -13.15 -0.69
N ALA B 50 22.60 -13.62 0.45
CA ALA B 50 23.22 -12.75 1.45
C ALA B 50 24.73 -12.86 1.25
N PHE B 51 25.29 -11.90 0.50
CA PHE B 51 26.70 -11.91 0.16
C PHE B 51 27.56 -11.65 1.40
N PRO B 52 28.75 -12.28 1.47
CA PRO B 52 29.58 -12.17 2.69
C PRO B 52 30.27 -10.84 2.84
N SER B 53 30.69 -10.22 1.76
CA SER B 53 31.29 -8.89 1.81
C SER B 53 30.56 -7.96 0.84
N VAL B 54 30.72 -6.66 1.06
CA VAL B 54 30.15 -5.73 0.11
C VAL B 54 30.84 -5.86 -1.25
N ASP B 55 32.10 -6.34 -1.30
CA ASP B 55 32.76 -6.47 -2.60
C ASP B 55 32.25 -7.68 -3.37
N ALA B 56 31.91 -8.75 -2.66
CA ALA B 56 31.35 -9.92 -3.32
C ALA B 56 30.03 -9.57 -4.02
N LEU B 57 29.14 -8.89 -3.29
CA LEU B 57 27.94 -8.32 -3.90
C LEU B 57 28.30 -7.44 -5.09
N LEU B 58 29.19 -6.48 -4.87
CA LEU B 58 29.42 -5.44 -5.88
C LEU B 58 29.85 -6.05 -7.20
N ALA B 59 30.67 -7.11 -7.16
CA ALA B 59 31.14 -7.69 -8.41
C ALA B 59 30.04 -8.41 -9.19
N GLU B 60 28.86 -8.64 -8.61
CA GLU B 60 27.81 -9.36 -9.32
C GLU B 60 26.65 -8.47 -9.77
N VAL B 61 26.76 -7.15 -9.65
CA VAL B 61 25.63 -6.29 -9.96
C VAL B 61 26.05 -5.14 -10.83
N ASP B 62 25.11 -4.61 -11.60
CA ASP B 62 25.31 -3.33 -12.25
C ASP B 62 24.78 -2.17 -11.43
N ALA B 63 23.83 -2.39 -10.51
CA ALA B 63 23.20 -1.28 -9.78
C ALA B 63 22.82 -1.65 -8.34
N VAL B 64 22.98 -0.71 -7.43
CA VAL B 64 22.59 -0.93 -6.03
C VAL B 64 21.86 0.28 -5.45
N SER B 65 20.95 -0.01 -4.53
CA SER B 65 20.57 0.98 -3.53
C SER B 65 21.52 0.92 -2.33
N ILE B 66 21.85 2.09 -1.80
CA ILE B 66 22.60 2.22 -0.56
C ILE B 66 21.64 2.80 0.47
N VAL B 67 21.34 2.00 1.49
CA VAL B 67 20.32 2.32 2.48
C VAL B 67 20.95 2.20 3.86
N THR B 68 22.22 2.55 3.96
CA THR B 68 22.96 2.52 5.20
C THR B 68 22.76 3.85 5.94
N PRO B 69 23.17 3.94 7.21
CA PRO B 69 22.98 5.21 7.95
C PRO B 69 23.73 6.36 7.29
N THR B 70 23.15 7.55 7.36
CA THR B 70 23.62 8.63 6.48
C THR B 70 25.11 8.88 6.65
N SER B 71 25.60 8.85 7.89
CA SER B 71 27.02 8.90 8.19
C SER B 71 27.88 8.07 7.24
N THR B 72 27.37 6.94 6.78
CA THR B 72 28.13 5.97 5.99
C THR B 72 27.96 6.11 4.48
N HIS B 73 27.00 6.94 4.01
CA HIS B 73 26.70 7.02 2.57
C HIS B 73 27.95 7.34 1.75
N PHE B 74 28.77 8.28 2.20
CA PHE B 74 29.96 8.64 1.45
C PHE B 74 30.88 7.44 1.27
N ALA B 75 31.13 6.70 2.35
CA ALA B 75 32.11 5.61 2.29
C ALA B 75 31.64 4.52 1.34
N VAL B 76 30.45 3.97 1.60
CA VAL B 76 29.92 2.88 0.79
C VAL B 76 29.81 3.30 -0.67
N ALA B 77 29.23 4.48 -0.92
CA ALA B 77 29.10 4.94 -2.30
C ALA B 77 30.45 4.96 -2.98
N GLU B 78 31.48 5.39 -2.24
CA GLU B 78 32.81 5.46 -2.86
C GLU B 78 33.26 4.08 -3.30
N VAL B 79 33.05 3.08 -2.45
CA VAL B 79 33.41 1.73 -2.83
C VAL B 79 32.56 1.29 -4.01
N ALA B 80 31.27 1.59 -3.98
CA ALA B 80 30.37 1.09 -5.04
C ALA B 80 30.75 1.66 -6.39
N MET B 81 30.87 2.98 -6.49
CA MET B 81 31.22 3.58 -7.76
C MET B 81 32.63 3.18 -8.17
N GLN B 82 33.48 2.86 -7.19
CA GLN B 82 34.80 2.36 -7.53
C GLN B 82 34.68 1.06 -8.31
N ALA B 83 33.74 0.21 -7.92
CA ALA B 83 33.45 -1.00 -8.69
C ALA B 83 32.76 -0.71 -9.97
N GLY B 84 32.59 0.55 -10.39
CA GLY B 84 31.80 0.86 -11.56
C GLY B 84 30.31 0.64 -11.43
N VAL B 85 29.78 0.64 -10.22
CA VAL B 85 28.36 0.31 -10.03
C VAL B 85 27.54 1.59 -9.88
N HIS B 86 26.35 1.59 -10.48
CA HIS B 86 25.39 2.67 -10.36
C HIS B 86 24.72 2.66 -8.97
N CYS B 87 24.46 3.87 -8.45
CA CYS B 87 24.08 4.06 -7.06
C CYS B 87 22.80 4.87 -6.91
N LEU B 88 21.81 4.26 -6.27
CA LEU B 88 20.62 4.94 -5.75
C LEU B 88 20.81 5.07 -4.24
N ILE B 89 21.20 6.25 -3.78
CA ILE B 89 21.49 6.47 -2.37
C ILE B 89 20.24 7.01 -1.70
N GLU B 90 19.84 6.38 -0.61
CA GLU B 90 18.70 6.85 0.15
C GLU B 90 18.93 8.29 0.63
N LYS B 91 17.82 8.99 0.86
CA LYS B 91 17.85 10.34 1.41
C LYS B 91 18.15 10.30 2.92
N PRO B 92 18.95 11.27 3.45
CA PRO B 92 19.63 12.31 2.66
C PRO B 92 20.94 11.83 2.03
N PHE B 93 21.47 12.67 1.14
CA PHE B 93 22.63 12.34 0.35
C PHE B 93 23.81 12.03 1.27
N THR B 94 24.33 13.03 1.99
CA THR B 94 25.48 12.83 2.86
C THR B 94 25.35 13.77 4.06
N LEU B 95 26.35 13.71 4.95
CA LEU B 95 26.40 14.61 6.10
C LEU B 95 26.66 16.05 5.66
N ASP B 96 27.82 16.30 5.06
CA ASP B 96 28.19 17.65 4.61
C ASP B 96 28.24 17.68 3.08
N THR B 97 28.60 18.84 2.53
CA THR B 97 28.60 18.95 1.07
C THR B 97 29.94 18.60 0.43
N GLU B 98 31.04 18.50 1.18
CA GLU B 98 32.27 18.09 0.50
C GLU B 98 32.18 16.62 0.09
N GLU B 99 31.59 15.78 0.96
CA GLU B 99 31.28 14.41 0.59
C GLU B 99 30.43 14.37 -0.67
N ALA B 100 29.35 15.16 -0.69
CA ALA B 100 28.45 15.17 -1.85
C ALA B 100 29.18 15.56 -3.12
N ASP B 101 30.06 16.57 -3.04
CA ASP B 101 30.80 17.01 -4.22
C ASP B 101 31.75 15.93 -4.72
N ALA B 102 32.43 15.25 -3.78
CA ALA B 102 33.27 14.12 -4.16
C ALA B 102 32.46 13.07 -4.92
N LEU B 103 31.30 12.69 -4.39
CA LEU B 103 30.52 11.64 -5.04
C LEU B 103 30.04 12.08 -6.42
N ILE B 104 29.68 13.36 -6.56
CA ILE B 104 29.27 13.89 -7.85
C ILE B 104 30.41 13.77 -8.86
N GLY B 105 31.63 14.15 -8.45
CA GLY B 105 32.78 14.01 -9.33
C GLY B 105 33.10 12.57 -9.68
N MET B 106 32.95 11.66 -8.72
CA MET B 106 33.21 10.25 -9.01
C MET B 106 32.25 9.74 -10.08
N ALA B 107 30.95 10.02 -9.93
CA ALA B 107 29.97 9.56 -10.91
C ALA B 107 30.19 10.21 -12.27
N GLN B 108 30.59 11.47 -12.29
CA GLN B 108 30.78 12.19 -13.57
C GLN B 108 31.95 11.59 -14.33
N GLU B 109 33.05 11.36 -13.63
CA GLU B 109 34.25 10.83 -14.26
C GLU B 109 34.07 9.38 -14.68
N ARG B 110 33.36 8.59 -13.88
CA ARG B 110 33.08 7.20 -14.20
C ARG B 110 31.74 7.00 -14.93
N HIS B 111 31.10 8.09 -15.36
CA HIS B 111 29.90 8.02 -16.21
C HIS B 111 28.79 7.18 -15.58
N LEU B 112 28.56 7.37 -14.29
CA LEU B 112 27.57 6.59 -13.56
C LEU B 112 26.35 7.44 -13.27
N VAL B 113 25.22 6.77 -13.06
CA VAL B 113 24.02 7.41 -12.58
C VAL B 113 24.11 7.46 -11.05
N LEU B 114 24.29 8.67 -10.52
CA LEU B 114 24.14 8.94 -9.09
C LEU B 114 22.71 9.39 -8.85
N ALA B 115 21.94 8.61 -8.10
CA ALA B 115 20.57 8.97 -7.81
C ALA B 115 20.33 9.11 -6.31
N ILE B 116 19.40 9.99 -5.95
CA ILE B 116 19.10 10.29 -4.55
C ILE B 116 17.62 10.05 -4.31
N GLY B 117 17.30 9.25 -3.30
CA GLY B 117 15.93 8.84 -3.07
C GLY B 117 15.03 9.94 -2.55
N HIS B 118 14.89 11.03 -3.31
CA HIS B 118 13.96 12.10 -2.95
C HIS B 118 12.59 11.76 -3.52
N ILE B 119 11.92 10.85 -2.80
CA ILE B 119 10.79 10.06 -3.28
C ILE B 119 9.59 10.93 -3.65
N LYS B 120 9.39 12.08 -2.99
CA LYS B 120 8.15 12.79 -3.27
C LYS B 120 8.16 13.41 -4.67
N ARG B 121 9.28 13.37 -5.34
CA ARG B 121 9.30 13.88 -6.70
C ARG B 121 8.56 12.90 -7.60
N VAL B 122 8.29 11.69 -7.13
CA VAL B 122 7.55 10.71 -7.98
C VAL B 122 6.15 10.58 -7.43
N HIS B 123 5.70 11.56 -6.65
CA HIS B 123 4.30 11.51 -6.22
C HIS B 123 3.49 11.86 -7.46
N PRO B 124 2.36 11.18 -7.70
CA PRO B 124 1.50 11.48 -8.83
C PRO B 124 0.99 12.92 -8.86
N ALA B 125 0.71 13.50 -7.70
CA ALA B 125 0.28 14.90 -7.61
C ALA B 125 1.40 15.83 -8.08
N ILE B 126 2.63 15.47 -7.75
CA ILE B 126 3.74 16.33 -8.13
C ILE B 126 4.03 16.19 -9.62
N GLN B 127 3.90 14.97 -10.15
CA GLN B 127 4.09 14.83 -11.59
C GLN B 127 2.93 15.48 -12.33
N TYR B 128 1.71 15.34 -11.83
CA TYR B 128 0.58 16.01 -12.49
C TYR B 128 0.80 17.51 -12.52
N LEU B 129 1.23 18.09 -11.40
CA LEU B 129 1.44 19.53 -11.35
C LEU B 129 2.54 19.95 -12.32
N ARG B 130 3.67 19.24 -12.32
CA ARG B 130 4.73 19.52 -13.30
C ARG B 130 4.22 19.41 -14.73
N GLN B 131 3.45 18.36 -15.02
CA GLN B 131 2.86 18.17 -16.35
C GLN B 131 2.03 19.37 -16.78
N ALA B 132 1.24 19.93 -15.85
CA ALA B 132 0.32 21.02 -16.19
C ALA B 132 1.04 22.30 -16.62
N GLY B 133 2.37 22.35 -16.48
CA GLY B 133 3.16 23.50 -16.87
C GLY B 133 2.59 24.86 -16.45
N PHE B 134 2.36 25.06 -15.13
CA PHE B 134 1.87 26.34 -14.61
C PHE B 134 2.97 27.38 -14.46
N GLY B 135 4.24 26.98 -14.53
CA GLY B 135 5.35 27.89 -14.31
C GLY B 135 5.92 27.77 -12.91
N ALA B 136 6.70 28.78 -12.54
CA ALA B 136 7.21 28.79 -11.18
C ALA B 136 6.19 29.47 -10.27
N PRO B 137 5.91 28.87 -9.11
CA PRO B 137 4.94 29.45 -8.18
C PRO B 137 5.50 30.66 -7.45
N ARG B 138 4.60 31.55 -7.05
CA ARG B 138 4.95 32.65 -6.17
C ARG B 138 5.08 32.21 -4.73
N TYR B 139 4.32 31.20 -4.30
CA TYR B 139 4.27 30.90 -2.89
C TYR B 139 4.05 29.40 -2.68
N LEU B 140 4.82 28.81 -1.76
CA LEU B 140 4.56 27.45 -1.26
C LEU B 140 4.42 27.47 0.26
N GLU B 141 3.32 26.88 0.75
CA GLU B 141 3.13 26.50 2.15
C GLU B 141 3.25 24.99 2.26
N ALA B 142 3.99 24.49 3.24
CA ALA B 142 4.04 23.04 3.44
C ALA B 142 4.16 22.71 4.92
N GLU B 143 3.47 21.65 5.34
CA GLU B 143 3.61 21.14 6.70
C GLU B 143 3.76 19.62 6.67
N ARG B 144 4.86 19.14 7.25
CA ARG B 144 5.13 17.71 7.46
C ARG B 144 5.18 17.46 8.97
N LEU B 145 4.11 16.87 9.50
CA LEU B 145 3.93 16.64 10.93
C LEU B 145 3.88 15.13 11.18
N ALA B 146 4.86 14.62 11.98
CA ALA B 146 4.89 13.19 12.22
C ALA B 146 4.58 12.88 13.67
N PRO B 147 3.85 11.81 13.95
CA PRO B 147 3.55 11.49 15.35
C PRO B 147 4.83 11.13 16.07
N PHE B 148 4.98 11.66 17.27
CA PHE B 148 6.18 11.27 18.03
C PHE B 148 6.01 9.81 18.43
N LYS B 149 6.82 9.03 17.76
CA LYS B 149 7.03 7.58 18.01
C LYS B 149 8.38 7.43 18.74
N PRO B 150 8.79 6.26 19.26
CA PRO B 150 10.00 6.15 20.06
C PRO B 150 11.30 6.06 19.28
N ARG B 151 11.20 6.04 17.96
CA ARG B 151 12.37 5.99 17.06
C ARG B 151 12.77 7.41 16.68
N SER B 152 11.91 8.38 17.01
CA SER B 152 12.00 9.79 16.59
C SER B 152 13.13 10.58 17.26
N LEU B 153 13.96 9.98 18.09
CA LEU B 153 14.96 10.80 18.79
C LEU B 153 16.21 11.06 17.98
N ASP B 154 16.37 10.43 16.81
CA ASP B 154 17.43 10.75 15.87
C ASP B 154 16.87 11.20 14.52
N ILE B 155 15.55 11.40 14.44
CA ILE B 155 14.93 12.10 13.33
C ILE B 155 15.27 13.58 13.49
N ASP B 156 16.27 14.06 12.75
CA ASP B 156 16.50 15.49 12.65
C ASP B 156 15.34 16.12 11.88
N VAL B 157 14.65 17.09 12.50
CA VAL B 157 13.42 17.56 11.90
C VAL B 157 13.69 18.27 10.58
N ILE B 158 14.84 18.94 10.44
CA ILE B 158 15.18 19.54 9.15
C ILE B 158 15.73 18.51 8.18
N MET B 159 16.69 17.68 8.60
CA MET B 159 17.37 16.79 7.67
C MET B 159 16.57 15.55 7.31
N ASP B 160 15.45 15.29 7.96
CA ASP B 160 14.64 14.13 7.64
C ASP B 160 13.19 14.45 7.26
N LEU B 161 12.64 15.57 7.71
CA LEU B 161 11.26 15.91 7.41
C LEU B 161 11.16 17.10 6.47
N MET B 162 11.73 18.24 6.84
CA MET B 162 11.62 19.42 6.02
C MET B 162 12.29 19.23 4.66
N ILE B 163 13.28 18.34 4.57
CA ILE B 163 14.06 18.19 3.35
C ILE B 163 13.18 17.87 2.14
N HIS B 164 12.09 17.11 2.33
CA HIS B 164 11.23 16.75 1.21
C HIS B 164 10.58 17.99 0.60
N ASP B 165 10.13 18.92 1.44
CA ASP B 165 9.52 20.14 0.92
C ASP B 165 10.56 21.16 0.48
N LEU B 166 11.77 21.12 1.05
CA LEU B 166 12.83 21.95 0.51
C LEU B 166 13.15 21.52 -0.92
N ASP B 167 13.25 20.20 -1.12
CA ASP B 167 13.50 19.67 -2.45
C ASP B 167 12.38 20.03 -3.42
N LEU B 168 11.12 19.84 -3.01
CA LEU B 168 9.98 20.18 -3.85
C LEU B 168 9.99 21.67 -4.23
N THR B 169 10.23 22.54 -3.25
CA THR B 169 10.35 23.98 -3.55
C THR B 169 11.40 24.20 -4.61
N LEU B 170 12.60 23.67 -4.39
CA LEU B 170 13.67 23.85 -5.36
C LEU B 170 13.23 23.39 -6.75
N LEU B 171 12.53 22.24 -6.82
CA LEU B 171 12.23 21.62 -8.11
C LEU B 171 11.10 22.36 -8.85
N LEU B 172 10.06 22.80 -8.15
CA LEU B 172 8.99 23.50 -8.84
C LEU B 172 9.42 24.90 -9.25
N THR B 173 10.34 25.55 -8.50
CA THR B 173 10.75 26.91 -8.87
C THR B 173 11.95 26.95 -9.80
N GLY B 174 12.81 25.92 -9.77
CA GLY B 174 14.12 26.05 -10.36
C GLY B 174 14.98 27.17 -9.78
N ALA B 175 14.63 27.71 -8.63
CA ALA B 175 15.28 28.89 -8.08
C ALA B 175 16.18 28.51 -6.91
N GLU B 176 17.08 29.44 -6.55
CA GLU B 176 17.99 29.13 -5.45
C GLU B 176 17.69 29.99 -4.23
N PRO B 177 17.99 29.49 -3.04
CA PRO B 177 17.71 30.26 -1.81
C PRO B 177 18.66 31.43 -1.64
N VAL B 178 18.09 32.62 -1.42
CA VAL B 178 18.88 33.80 -1.12
C VAL B 178 18.56 34.37 0.26
N ASP B 179 17.41 34.08 0.85
CA ASP B 179 17.19 34.41 2.26
C ASP B 179 16.52 33.24 2.97
N VAL B 180 16.97 32.96 4.19
CA VAL B 180 16.42 31.90 5.03
C VAL B 180 16.28 32.47 6.44
N ARG B 181 15.04 32.71 6.86
CA ARG B 181 14.71 32.93 8.27
C ARG B 181 14.16 31.65 8.86
N ALA B 182 14.43 31.40 10.13
CA ALA B 182 13.92 30.17 10.71
C ALA B 182 13.62 30.32 12.20
N VAL B 183 12.59 29.60 12.64
CA VAL B 183 12.37 29.36 14.06
C VAL B 183 12.51 27.88 14.31
N GLY B 184 12.80 27.56 15.56
CA GLY B 184 12.80 26.18 15.99
C GLY B 184 12.39 26.10 17.44
N VAL B 185 12.05 24.88 17.86
CA VAL B 185 11.69 24.58 19.23
C VAL B 185 12.26 23.21 19.57
N ALA B 186 13.11 23.17 20.59
CA ALA B 186 13.67 21.95 21.14
C ALA B 186 12.93 21.64 22.43
N ALA B 187 12.11 20.60 22.42
CA ALA B 187 11.25 20.28 23.56
C ALA B 187 11.73 19.07 24.35
N VAL B 188 11.89 17.93 23.71
CA VAL B 188 12.41 16.79 24.43
C VAL B 188 13.93 16.82 24.46
N THR B 189 14.57 17.09 23.32
CA THR B 189 16.02 17.13 23.22
C THR B 189 16.48 18.59 23.33
N ASP B 190 17.80 18.80 23.29
CA ASP B 190 18.34 20.10 22.89
C ASP B 190 18.22 20.35 21.38
N LYS B 191 17.82 19.32 20.63
CA LYS B 191 17.64 19.39 19.19
C LYS B 191 16.23 19.83 18.82
N ALA B 192 16.12 20.42 17.63
CA ALA B 192 14.84 20.91 17.15
C ALA B 192 13.83 19.78 17.04
N ASP B 193 12.78 19.88 17.84
CA ASP B 193 11.62 19.01 17.67
C ASP B 193 10.63 19.54 16.65
N MET B 194 10.50 20.86 16.51
CA MET B 194 9.77 21.40 15.37
C MET B 194 10.50 22.64 14.86
N ALA B 195 10.36 22.88 13.55
CA ALA B 195 11.03 24.02 12.92
C ALA B 195 10.16 24.57 11.79
N THR B 196 10.24 25.88 11.60
CA THR B 196 9.50 26.54 10.53
C THR B 196 10.43 27.51 9.82
N ALA B 197 10.48 27.40 8.49
CA ALA B 197 11.39 28.17 7.66
C ALA B 197 10.60 29.11 6.75
N TRP B 198 11.13 30.32 6.59
CA TRP B 198 10.62 31.31 5.64
C TRP B 198 11.76 31.58 4.66
N MET B 199 11.59 31.13 3.43
CA MET B 199 12.66 31.10 2.44
C MET B 199 12.29 31.98 1.26
N THR B 200 13.19 32.87 0.89
CA THR B 200 13.08 33.64 -0.34
C THR B 200 14.13 33.15 -1.33
N LEU B 201 13.70 32.95 -2.57
CA LEU B 201 14.55 32.52 -3.66
C LEU B 201 14.85 33.70 -4.58
N ASN B 202 15.88 33.51 -5.43
CA ASN B 202 16.36 34.57 -6.30
C ASN B 202 15.34 34.99 -7.36
N ASN B 203 14.31 34.18 -7.60
CA ASN B 203 13.18 34.58 -8.42
C ASN B 203 12.10 35.27 -7.61
N GLY B 204 12.38 35.60 -6.36
CA GLY B 204 11.41 36.28 -5.51
C GLY B 204 10.23 35.45 -5.07
N THR B 205 10.38 34.12 -5.04
CA THR B 205 9.36 33.22 -4.53
C THR B 205 9.58 32.96 -3.05
N VAL B 206 8.50 32.74 -2.32
CA VAL B 206 8.56 32.42 -0.90
C VAL B 206 8.08 30.99 -0.66
N ALA B 207 8.83 30.26 0.16
CA ALA B 207 8.42 28.98 0.73
C ALA B 207 8.31 29.09 2.23
N ASN B 208 7.17 28.69 2.78
CA ASN B 208 6.88 28.69 4.21
C ASN B 208 6.74 27.22 4.58
N LEU B 209 7.74 26.67 5.28
CA LEU B 209 7.90 25.22 5.44
C LEU B 209 7.98 24.81 6.91
N ALA B 210 7.07 23.93 7.33
CA ALA B 210 6.93 23.57 8.73
C ALA B 210 7.05 22.06 8.93
N ALA B 211 7.92 21.64 9.84
CA ALA B 211 8.08 20.23 10.14
C ALA B 211 8.10 20.05 11.65
N SER B 212 7.42 19.02 12.12
CA SER B 212 7.43 18.68 13.54
C SER B 212 7.44 17.17 13.70
N ARG B 213 8.14 16.69 14.73
CA ARG B 213 8.15 15.27 15.07
C ARG B 213 7.46 14.96 16.39
N VAL B 214 6.72 15.91 16.95
CA VAL B 214 5.99 15.70 18.20
C VAL B 214 4.51 16.00 18.00
N VAL B 215 3.93 15.61 16.88
CA VAL B 215 2.54 15.96 16.62
C VAL B 215 1.61 14.81 17.00
N ARG B 216 0.41 15.13 17.51
CA ARG B 216 -0.68 14.16 17.81
C ARG B 216 -1.07 13.30 16.58
N GLU B 217 -1.62 13.93 15.53
CA GLU B 217 -2.09 13.21 14.36
C GLU B 217 -1.31 13.65 13.13
N PRO B 218 -0.84 12.72 12.30
CA PRO B 218 0.08 13.09 11.21
C PRO B 218 -0.56 13.93 10.11
N ALA B 219 0.30 14.61 9.35
CA ALA B 219 -0.16 15.51 8.30
C ALA B 219 0.97 15.76 7.31
N ARG B 220 0.70 15.57 6.03
CA ARG B 220 1.68 15.84 4.98
C ARG B 220 0.98 16.64 3.89
N ARG B 221 1.01 17.97 4.00
CA ARG B 221 0.27 18.77 3.03
C ARG B 221 1.08 19.92 2.48
N MET B 222 0.83 20.25 1.21
CA MET B 222 1.46 21.39 0.56
C MET B 222 0.46 22.19 -0.26
N ARG B 223 0.42 23.49 -0.05
CA ARG B 223 -0.36 24.41 -0.85
C ARG B 223 0.59 25.24 -1.72
N ILE B 224 0.29 25.31 -3.02
CA ILE B 224 1.14 26.03 -3.98
C ILE B 224 0.30 27.06 -4.71
N PHE B 225 0.76 28.31 -4.72
CA PHE B 225 0.08 29.42 -5.37
C PHE B 225 0.95 29.98 -6.49
N TRP B 226 0.40 30.00 -7.70
CA TRP B 226 0.88 30.78 -8.81
C TRP B 226 0.11 32.09 -8.89
N GLN B 227 0.26 32.80 -10.02
CA GLN B 227 -0.49 34.02 -10.23
C GLN B 227 -1.99 33.76 -10.21
N ASP B 228 -2.45 32.66 -10.85
CA ASP B 228 -3.89 32.41 -11.01
C ASP B 228 -4.35 30.99 -10.74
N ARG B 229 -3.44 30.06 -10.41
CA ARG B 229 -3.81 28.71 -10.03
C ARG B 229 -3.37 28.47 -8.59
N TYR B 230 -4.15 27.67 -7.85
CA TYR B 230 -3.83 27.36 -6.46
C TYR B 230 -4.04 25.88 -6.21
N ALA B 231 -2.94 25.14 -6.03
CA ALA B 231 -3.01 23.71 -5.75
C ALA B 231 -2.97 23.45 -4.25
N SER B 232 -3.78 22.49 -3.81
CA SER B 232 -3.64 21.88 -2.51
C SER B 232 -3.36 20.39 -2.68
N VAL B 233 -2.34 19.90 -1.99
CA VAL B 233 -1.92 18.51 -2.02
C VAL B 233 -1.98 17.95 -0.60
N ASP B 234 -2.65 16.79 -0.45
CA ASP B 234 -2.53 15.94 0.74
C ASP B 234 -1.87 14.63 0.30
N PHE B 235 -0.57 14.51 0.59
CA PHE B 235 0.21 13.32 0.25
C PHE B 235 -0.29 12.09 1.00
N LEU B 236 -0.84 12.28 2.22
CA LEU B 236 -1.36 11.15 2.98
C LEU B 236 -2.68 10.64 2.41
N ASN B 237 -3.61 11.54 2.06
CA ASN B 237 -4.87 11.14 1.45
C ASN B 237 -4.82 11.03 -0.06
N ASN B 238 -3.68 11.34 -0.68
CA ASN B 238 -3.54 11.29 -2.14
C ASN B 238 -4.59 12.17 -2.84
N THR B 239 -4.78 13.38 -2.31
CA THR B 239 -5.69 14.33 -2.92
C THR B 239 -4.91 15.46 -3.56
N LEU B 240 -5.33 15.85 -4.76
CA LEU B 240 -4.88 17.08 -5.39
C LEU B 240 -6.10 17.85 -5.84
N HIS B 241 -6.23 19.08 -5.37
CA HIS B 241 -7.27 20.00 -5.83
C HIS B 241 -6.61 21.24 -6.43
N ILE B 242 -7.09 21.65 -7.60
CA ILE B 242 -6.61 22.86 -8.25
C ILE B 242 -7.73 23.88 -8.28
N TYR B 243 -7.41 25.09 -7.87
CA TYR B 243 -8.36 26.19 -7.73
C TYR B 243 -8.06 27.23 -8.81
N HIS B 244 -9.05 27.48 -9.66
CA HIS B 244 -8.94 28.40 -10.79
C HIS B 244 -9.65 29.71 -10.46
N ARG B 245 -8.90 30.81 -10.55
CA ARG B 245 -9.30 32.19 -10.25
C ARG B 245 -10.69 32.57 -10.77
N VAL B 256 -14.93 30.85 -8.07
CA VAL B 256 -13.78 30.02 -7.76
C VAL B 256 -14.01 28.57 -8.20
N ARG B 257 -13.22 28.05 -9.15
CA ARG B 257 -13.41 26.64 -9.48
C ARG B 257 -12.44 25.75 -8.70
N ASP B 258 -12.96 24.62 -8.25
CA ASP B 258 -12.22 23.61 -7.49
C ASP B 258 -12.29 22.32 -8.30
N GLU B 259 -11.24 22.06 -9.07
CA GLU B 259 -11.14 20.84 -9.84
C GLU B 259 -10.41 19.79 -9.01
N ALA B 260 -11.06 18.65 -8.79
CA ALA B 260 -10.46 17.54 -8.05
C ALA B 260 -9.72 16.67 -9.06
N VAL B 261 -8.41 16.82 -9.14
CA VAL B 261 -7.64 15.91 -9.96
C VAL B 261 -7.65 14.55 -9.26
N ASP B 262 -8.00 13.52 -10.01
CA ASP B 262 -8.05 12.18 -9.44
C ASP B 262 -6.76 11.47 -9.81
N LEU B 263 -6.14 10.84 -8.83
CA LEU B 263 -4.77 10.41 -8.95
C LEU B 263 -4.67 8.90 -8.81
N ALA B 264 -3.81 8.32 -9.62
CA ALA B 264 -3.56 6.87 -9.56
C ALA B 264 -2.84 6.53 -8.26
N LYS B 265 -3.12 5.37 -7.68
CA LYS B 265 -2.41 4.90 -6.47
C LYS B 265 -1.06 4.40 -6.98
N ARG B 266 0.01 4.64 -6.25
CA ARG B 266 1.29 4.26 -6.85
C ARG B 266 2.27 3.77 -5.80
N ASP B 267 3.00 2.70 -6.11
CA ASP B 267 4.11 2.31 -5.24
C ASP B 267 5.23 3.29 -5.57
N ALA B 268 5.42 4.27 -4.70
CA ALA B 268 6.42 5.35 -4.89
C ALA B 268 7.82 4.77 -4.89
N LEU B 269 8.13 3.89 -3.97
CA LEU B 269 9.45 3.26 -4.00
C LEU B 269 9.65 2.45 -5.28
N ALA B 270 8.59 1.75 -5.73
CA ALA B 270 8.66 1.04 -7.00
C ALA B 270 8.91 1.99 -8.16
N ALA B 271 8.18 3.10 -8.19
CA ALA B 271 8.37 4.09 -9.26
C ALA B 271 9.76 4.67 -9.22
N GLU B 272 10.25 5.03 -8.04
CA GLU B 272 11.61 5.53 -7.88
C GLU B 272 12.64 4.55 -8.46
N ILE B 273 12.57 3.29 -8.05
CA ILE B 273 13.56 2.32 -8.51
C ILE B 273 13.44 2.10 -10.02
N GLU B 274 12.21 1.93 -10.52
CA GLU B 274 12.02 1.79 -11.96
C GLU B 274 12.58 2.97 -12.72
N ASP B 275 12.50 4.18 -12.14
CA ASP B 275 13.10 5.34 -12.77
C ASP B 275 14.62 5.22 -12.79
N PHE B 276 15.22 4.94 -11.62
CA PHE B 276 16.68 4.79 -11.50
C PHE B 276 17.21 3.78 -12.52
N LEU B 277 16.56 2.61 -12.59
CA LEU B 277 16.91 1.57 -13.56
C LEU B 277 16.72 2.03 -15.01
N ASN B 278 15.55 2.58 -15.34
CA ASN B 278 15.32 3.09 -16.70
C ASN B 278 16.31 4.18 -17.05
N ALA B 279 16.85 4.90 -16.09
CA ALA B 279 17.81 5.92 -16.44
C ALA B 279 19.14 5.29 -16.78
N ILE B 280 19.57 4.29 -15.99
CA ILE B 280 20.77 3.55 -16.35
C ILE B 280 20.62 2.98 -17.76
N ALA B 281 19.46 2.41 -18.06
CA ALA B 281 19.30 1.60 -19.26
C ALA B 281 19.05 2.44 -20.53
N ALA B 282 18.14 3.41 -20.50
CA ALA B 282 17.88 4.22 -21.70
C ALA B 282 18.80 5.43 -21.77
N HIS B 283 19.59 5.63 -20.73
CA HIS B 283 20.52 6.78 -20.60
C HIS B 283 19.74 8.10 -20.54
N ARG B 284 18.57 8.09 -19.93
CA ARG B 284 17.75 9.33 -19.75
C ARG B 284 18.07 9.96 -18.38
N PRO B 285 17.54 11.14 -18.03
CA PRO B 285 17.83 11.76 -16.76
C PRO B 285 17.04 11.07 -15.67
N VAL B 286 17.66 10.91 -14.53
CA VAL B 286 17.02 10.22 -13.40
C VAL B 286 16.20 11.25 -12.63
N PHE B 287 15.16 10.79 -11.97
CA PHE B 287 14.24 11.67 -11.25
C PHE B 287 14.94 12.61 -10.27
N CYS B 288 16.08 12.21 -9.69
CA CYS B 288 16.83 13.13 -8.81
C CYS B 288 18.30 12.75 -8.81
N ASP B 289 19.11 13.49 -9.55
CA ASP B 289 20.52 13.14 -9.57
C ASP B 289 21.22 13.75 -8.36
N GLY B 290 22.50 13.42 -8.22
CA GLY B 290 23.29 13.85 -7.08
C GLY B 290 23.50 15.35 -7.01
N VAL B 291 23.44 16.04 -8.14
CA VAL B 291 23.54 17.50 -8.14
C VAL B 291 22.31 18.13 -7.48
N ALA B 292 21.12 17.65 -7.82
CA ALA B 292 19.92 18.12 -7.12
C ALA B 292 19.98 17.77 -5.64
N GLY B 293 20.49 16.56 -5.33
CA GLY B 293 20.61 16.15 -3.94
C GLY B 293 21.55 17.05 -3.16
N ARG B 294 22.64 17.48 -3.80
CA ARG B 294 23.51 18.44 -3.16
C ARG B 294 22.82 19.78 -2.96
N ARG B 295 22.05 20.23 -3.95
CA ARG B 295 21.36 21.52 -3.83
C ARG B 295 20.45 21.54 -2.60
N VAL B 296 19.67 20.47 -2.42
CA VAL B 296 18.73 20.43 -1.31
C VAL B 296 19.47 20.24 0.02
N LEU B 297 20.57 19.49 0.03
CA LEU B 297 21.34 19.39 1.26
C LEU B 297 21.88 20.75 1.68
N ALA B 298 22.31 21.57 0.71
CA ALA B 298 22.80 22.90 1.07
C ALA B 298 21.69 23.74 1.68
N ALA B 299 20.50 23.71 1.08
CA ALA B 299 19.40 24.50 1.62
C ALA B 299 19.01 24.05 3.02
N ALA B 300 18.93 22.75 3.25
CA ALA B 300 18.58 22.27 4.57
C ALA B 300 19.67 22.58 5.60
N LEU B 301 20.94 22.64 5.21
CA LEU B 301 21.98 23.05 6.16
C LEU B 301 21.87 24.53 6.49
N GLN B 302 21.51 25.35 5.50
CA GLN B 302 21.20 26.75 5.80
C GLN B 302 20.08 26.83 6.82
N VAL B 303 19.03 26.06 6.58
CA VAL B 303 17.88 26.11 7.48
C VAL B 303 18.28 25.68 8.88
N ARG B 304 19.08 24.62 8.99
CA ARG B 304 19.44 24.16 10.32
C ARG B 304 20.41 25.10 11.01
N VAL B 305 21.27 25.79 10.25
CA VAL B 305 22.12 26.82 10.85
C VAL B 305 21.26 27.91 11.47
N ALA B 306 20.26 28.38 10.72
CA ALA B 306 19.37 29.41 11.24
C ALA B 306 18.59 28.91 12.45
N VAL B 307 18.13 27.66 12.40
CA VAL B 307 17.39 27.11 13.52
C VAL B 307 18.25 27.05 14.77
N GLU B 308 19.42 26.39 14.66
CA GLU B 308 20.32 26.25 15.80
C GLU B 308 20.70 27.60 16.38
N ALA B 309 20.87 28.63 15.54
CA ALA B 309 21.08 29.97 16.06
C ALA B 309 19.89 30.42 16.89
N PHE B 310 18.69 30.39 16.30
CA PHE B 310 17.48 30.81 17.00
C PHE B 310 17.36 30.14 18.36
N LEU B 311 17.66 28.84 18.43
CA LEU B 311 17.55 28.11 19.70
C LEU B 311 18.65 28.51 20.68
N GLN B 312 19.75 29.09 20.18
CA GLN B 312 20.98 29.43 20.91
C GLN B 312 21.81 28.19 21.23
#